data_2MMW
#
_entry.id   2MMW
#
_entity_poly.entity_id   1
_entity_poly.type   'polypeptide(L)'
_entity_poly.pdbx_seq_one_letter_code
;GGAGHVPEYFVRGDTPISFYG
;
_entity_poly.pdbx_strand_id   A
#
# COMPACT_ATOMS: atom_id res chain seq x y z
N GLY A 1 -4.33 0.71 4.15
CA GLY A 1 -4.69 1.27 5.45
C GLY A 1 -4.02 0.54 6.59
N GLY A 2 -2.82 -0.05 6.40
CA GLY A 2 -2.18 -0.76 7.52
C GLY A 2 -0.78 -1.21 7.16
N ALA A 3 -0.32 -2.41 7.61
CA ALA A 3 1.04 -2.85 7.29
C ALA A 3 1.10 -4.36 7.14
N GLY A 4 0.13 -4.96 6.41
CA GLY A 4 0.09 -6.40 6.21
C GLY A 4 0.83 -6.79 4.94
N HIS A 5 0.34 -7.80 4.19
CA HIS A 5 1.05 -8.27 2.99
C HIS A 5 0.66 -7.54 1.73
N VAL A 6 -0.65 -7.24 1.51
CA VAL A 6 -1.09 -6.79 0.18
C VAL A 6 -1.20 -5.27 0.16
N PRO A 7 -0.72 -4.49 -0.85
CA PRO A 7 -0.82 -3.04 -0.76
C PRO A 7 -2.26 -2.56 -0.79
N GLU A 8 -2.62 -1.49 -0.05
CA GLU A 8 -3.99 -0.96 -0.08
C GLU A 8 -4.11 0.02 -1.23
N TYR A 9 -3.21 1.03 -1.30
CA TYR A 9 -3.32 2.08 -2.30
C TYR A 9 -1.99 2.28 -2.98
N PHE A 10 -1.92 3.14 -4.02
CA PHE A 10 -0.67 3.41 -4.72
C PHE A 10 -0.53 4.90 -4.93
N VAL A 11 0.66 5.36 -5.39
CA VAL A 11 0.92 6.79 -5.57
C VAL A 11 0.78 7.07 -7.05
N ARG A 12 1.14 8.27 -7.56
CA ARG A 12 1.08 8.52 -8.99
C ARG A 12 2.28 7.88 -9.67
N GLY A 13 2.39 6.52 -9.65
CA GLY A 13 3.46 5.84 -10.36
C GLY A 13 4.78 5.85 -9.61
N ASP A 14 4.97 4.99 -8.59
CA ASP A 14 6.30 4.84 -7.99
C ASP A 14 6.36 3.59 -7.11
N THR A 15 5.71 3.58 -5.93
CA THR A 15 5.73 2.43 -5.02
C THR A 15 4.64 2.66 -3.98
N PRO A 16 3.98 1.66 -3.36
CA PRO A 16 2.89 1.97 -2.42
C PRO A 16 3.44 2.47 -1.11
N ILE A 17 2.56 2.94 -0.19
CA ILE A 17 3.00 3.41 1.13
C ILE A 17 2.09 2.82 2.18
N SER A 18 1.64 1.54 2.05
CA SER A 18 0.70 0.98 3.03
C SER A 18 0.26 -0.41 2.61
N PHE A 19 -0.22 -1.25 3.56
CA PHE A 19 -0.65 -2.61 3.24
C PHE A 19 -1.83 -3.00 4.10
N TYR A 20 -2.43 -4.20 3.89
CA TYR A 20 -3.66 -4.57 4.63
C TYR A 20 -3.43 -4.55 6.12
N GLY A 21 -4.47 -4.75 6.97
CA GLY A 21 -4.23 -4.80 8.40
C GLY A 21 -5.41 -5.37 9.15
N GLY A 1 -4.38 0.87 3.91
CA GLY A 1 -4.75 1.50 5.18
C GLY A 1 -4.11 0.84 6.37
N GLY A 2 -2.90 0.23 6.23
CA GLY A 2 -2.26 -0.42 7.38
C GLY A 2 -0.85 -0.84 7.06
N ALA A 3 -0.35 -1.99 7.59
CA ALA A 3 1.01 -2.42 7.30
C ALA A 3 1.09 -3.94 7.23
N GLY A 4 0.13 -4.58 6.51
CA GLY A 4 0.08 -6.03 6.39
C GLY A 4 0.82 -6.50 5.17
N HIS A 5 0.29 -7.50 4.43
CA HIS A 5 1.04 -8.11 3.32
C HIS A 5 0.69 -7.50 1.96
N VAL A 6 -0.59 -7.11 1.71
CA VAL A 6 -1.00 -6.74 0.35
C VAL A 6 -1.13 -5.24 0.25
N PRO A 7 -0.67 -4.50 -0.79
CA PRO A 7 -0.80 -3.04 -0.77
C PRO A 7 -2.24 -2.60 -0.85
N GLU A 8 -2.62 -1.50 -0.15
CA GLU A 8 -4.00 -1.00 -0.23
C GLU A 8 -4.13 -0.07 -1.42
N TYR A 9 -3.20 0.90 -1.57
CA TYR A 9 -3.31 1.91 -2.61
C TYR A 9 -1.99 2.09 -3.30
N PHE A 10 -1.93 2.92 -4.37
CA PHE A 10 -0.69 3.18 -5.07
C PHE A 10 -0.57 4.66 -5.34
N VAL A 11 0.62 5.12 -5.81
CA VAL A 11 0.85 6.54 -6.05
C VAL A 11 0.75 6.78 -7.54
N ARG A 12 1.12 7.97 -8.05
CA ARG A 12 1.19 8.16 -9.50
C ARG A 12 2.40 7.42 -10.04
N GLY A 13 2.36 6.07 -10.07
CA GLY A 13 3.44 5.31 -10.71
C GLY A 13 4.76 5.40 -9.97
N ASP A 14 4.97 4.62 -8.88
CA ASP A 14 6.31 4.54 -8.29
C ASP A 14 6.39 3.35 -7.35
N THR A 15 5.72 3.39 -6.17
CA THR A 15 5.75 2.29 -5.20
C THR A 15 4.65 2.57 -4.19
N PRO A 16 3.97 1.58 -3.54
CA PRO A 16 2.88 1.93 -2.64
C PRO A 16 3.39 2.50 -1.34
N ILE A 17 2.49 3.00 -0.45
CA ILE A 17 2.90 3.54 0.84
C ILE A 17 1.96 3.01 1.91
N SER A 18 1.57 1.72 1.86
CA SER A 18 0.64 1.18 2.86
C SER A 18 0.21 -0.22 2.50
N PHE A 19 -0.23 -1.04 3.48
CA PHE A 19 -0.66 -2.41 3.20
C PHE A 19 -1.84 -2.78 4.07
N TYR A 20 -2.42 -4.00 3.93
CA TYR A 20 -3.64 -4.35 4.67
C TYR A 20 -3.42 -4.25 6.17
N GLY A 21 -4.46 -4.45 7.02
CA GLY A 21 -4.26 -4.43 8.47
C GLY A 21 -4.95 -5.61 9.10
N GLY A 1 -4.37 0.78 4.01
CA GLY A 1 -4.75 1.37 5.29
C GLY A 1 -4.12 0.63 6.46
N GLY A 2 -2.87 0.12 6.33
CA GLY A 2 -2.23 -0.58 7.44
C GLY A 2 -0.83 -1.00 7.11
N ALA A 3 -0.34 -2.17 7.60
CA ALA A 3 1.03 -2.60 7.30
C ALA A 3 1.14 -4.10 7.21
N GLY A 4 0.19 -4.74 6.49
CA GLY A 4 0.19 -6.20 6.33
C GLY A 4 0.93 -6.59 5.05
N HIS A 5 0.46 -7.63 4.32
CA HIS A 5 1.17 -8.09 3.12
C HIS A 5 0.73 -7.36 1.86
N VAL A 6 -0.59 -7.18 1.61
CA VAL A 6 -1.05 -6.78 0.29
C VAL A 6 -1.16 -5.27 0.22
N PRO A 7 -0.69 -4.51 -0.81
CA PRO A 7 -0.80 -3.06 -0.77
C PRO A 7 -2.24 -2.60 -0.83
N GLU A 8 -2.61 -1.51 -0.11
CA GLU A 8 -3.97 -0.98 -0.17
C GLU A 8 -4.10 -0.04 -1.34
N TYR A 9 -3.18 0.95 -1.46
CA TYR A 9 -3.30 1.98 -2.48
C TYR A 9 -1.97 2.18 -3.16
N PHE A 10 -1.92 3.01 -4.23
CA PHE A 10 -0.68 3.27 -4.95
C PHE A 10 -0.56 4.77 -5.21
N VAL A 11 0.62 5.23 -5.69
CA VAL A 11 0.85 6.65 -5.95
C VAL A 11 0.74 6.84 -7.45
N ARG A 12 1.11 8.02 -7.99
CA ARG A 12 1.15 8.18 -9.45
C ARG A 12 2.36 7.42 -9.98
N GLY A 13 2.34 6.07 -9.96
CA GLY A 13 3.42 5.31 -10.59
C GLY A 13 4.74 5.44 -9.87
N ASP A 14 4.97 4.70 -8.76
CA ASP A 14 6.31 4.65 -8.18
C ASP A 14 6.43 3.45 -7.24
N THR A 15 5.73 3.47 -6.08
CA THR A 15 5.76 2.36 -5.12
C THR A 15 4.66 2.62 -4.11
N PRO A 16 3.97 1.64 -3.47
CA PRO A 16 2.89 1.98 -2.57
C PRO A 16 3.41 2.50 -1.25
N ILE A 17 2.53 2.98 -0.34
CA ILE A 17 2.97 3.49 0.96
C ILE A 17 2.04 2.92 2.03
N SER A 18 1.62 1.64 1.92
CA SER A 18 0.68 1.09 2.91
C SER A 18 0.25 -0.31 2.54
N PHE A 19 -0.22 -1.13 3.52
CA PHE A 19 -0.63 -2.50 3.22
C PHE A 19 -1.81 -2.88 4.09
N TYR A 20 -2.39 -4.09 3.93
CA TYR A 20 -3.62 -4.44 4.66
C TYR A 20 -3.41 -4.37 6.15
N GLY A 21 -4.48 -4.45 6.98
CA GLY A 21 -4.27 -4.45 8.42
C GLY A 21 -5.57 -4.57 9.17
N GLY A 1 -4.50 0.61 4.04
CA GLY A 1 -4.83 1.21 5.33
C GLY A 1 -4.19 0.52 6.50
N GLY A 2 -3.04 -0.17 6.33
CA GLY A 2 -2.38 -0.84 7.45
C GLY A 2 -0.97 -1.24 7.12
N ALA A 3 -0.48 -2.43 7.58
CA ALA A 3 0.90 -2.83 7.28
C ALA A 3 1.00 -4.34 7.16
N GLY A 4 0.06 -4.98 6.43
CA GLY A 4 0.06 -6.43 6.25
C GLY A 4 0.83 -6.83 5.03
N HIS A 5 0.33 -7.80 4.22
CA HIS A 5 1.10 -8.35 3.10
C HIS A 5 0.72 -7.79 1.75
N VAL A 6 -0.52 -7.28 1.53
CA VAL A 6 -0.95 -6.89 0.18
C VAL A 6 -1.15 -5.39 0.13
N PRO A 7 -0.71 -4.59 -0.87
CA PRO A 7 -0.88 -3.15 -0.78
C PRO A 7 -2.34 -2.76 -0.83
N GLU A 8 -2.76 -1.70 -0.08
CA GLU A 8 -4.16 -1.27 -0.11
C GLU A 8 -4.36 -0.42 -1.34
N TYR A 9 -3.50 0.61 -1.55
CA TYR A 9 -3.67 1.50 -2.69
C TYR A 9 -2.32 2.01 -3.15
N PHE A 10 -2.26 2.73 -4.30
CA PHE A 10 -0.99 3.20 -4.84
C PHE A 10 -1.08 4.69 -5.09
N VAL A 11 0.07 5.36 -5.37
CA VAL A 11 0.06 6.78 -5.70
C VAL A 11 0.02 6.89 -7.20
N ARG A 12 0.07 8.12 -7.76
CA ARG A 12 0.24 8.30 -9.20
C ARG A 12 1.48 7.60 -9.72
N GLY A 13 1.45 6.25 -9.87
CA GLY A 13 2.56 5.54 -10.50
C GLY A 13 3.90 5.75 -9.84
N ASP A 14 4.19 5.07 -8.70
CA ASP A 14 5.54 5.16 -8.13
C ASP A 14 5.82 4.01 -7.16
N THR A 15 5.04 3.89 -6.06
CA THR A 15 5.28 2.83 -5.07
C THR A 15 4.17 2.90 -4.03
N PRO A 16 3.64 1.81 -3.42
CA PRO A 16 2.56 1.97 -2.46
C PRO A 16 3.08 2.51 -1.14
N ILE A 17 2.17 2.94 -0.23
CA ILE A 17 2.58 3.45 1.07
C ILE A 17 1.64 2.87 2.12
N SER A 18 1.33 1.56 2.05
CA SER A 18 0.41 0.96 3.02
C SER A 18 0.02 -0.44 2.60
N PHE A 19 -0.37 -1.32 3.55
CA PHE A 19 -0.75 -2.69 3.22
C PHE A 19 -1.93 -3.12 4.07
N TYR A 20 -2.50 -4.33 3.86
CA TYR A 20 -3.71 -4.73 4.58
C TYR A 20 -3.51 -4.69 6.08
N GLY A 21 -4.58 -4.87 6.90
CA GLY A 21 -4.36 -4.97 8.34
C GLY A 21 -3.60 -6.22 8.63
N GLY A 1 -4.53 0.90 3.65
CA GLY A 1 -4.95 1.57 4.89
C GLY A 1 -4.41 0.87 6.12
N GLY A 2 -3.23 0.21 6.06
CA GLY A 2 -2.70 -0.46 7.25
C GLY A 2 -1.28 -0.95 7.03
N ALA A 3 -0.87 -2.13 7.57
CA ALA A 3 0.51 -2.59 7.39
C ALA A 3 0.57 -4.11 7.32
N GLY A 4 -0.33 -4.74 6.53
CA GLY A 4 -0.35 -6.19 6.39
C GLY A 4 0.47 -6.63 5.20
N HIS A 5 0.05 -7.69 4.47
CA HIS A 5 0.86 -8.20 3.35
C HIS A 5 0.55 -7.52 2.03
N VAL A 6 -0.73 -7.23 1.69
CA VAL A 6 -1.08 -6.86 0.32
C VAL A 6 -1.20 -5.36 0.22
N PRO A 7 -0.66 -4.61 -0.78
CA PRO A 7 -0.78 -3.16 -0.77
C PRO A 7 -2.20 -2.71 -0.93
N GLU A 8 -2.63 -1.59 -0.26
CA GLU A 8 -4.00 -1.11 -0.41
C GLU A 8 -4.07 -0.27 -1.67
N TYR A 9 -3.17 0.71 -1.83
CA TYR A 9 -3.22 1.58 -3.01
C TYR A 9 -1.82 2.04 -3.38
N PHE A 10 -1.66 2.74 -4.53
CA PHE A 10 -0.34 3.16 -4.98
C PHE A 10 -0.33 4.65 -5.25
N VAL A 11 0.87 5.26 -5.45
CA VAL A 11 0.95 6.69 -5.76
C VAL A 11 0.89 6.80 -7.27
N ARG A 12 1.14 8.00 -7.85
CA ARG A 12 1.17 8.11 -9.31
C ARG A 12 2.41 7.41 -9.84
N GLY A 13 2.41 6.05 -9.88
CA GLY A 13 3.51 5.32 -10.49
C GLY A 13 4.81 5.46 -9.74
N ASP A 14 5.00 4.72 -8.61
CA ASP A 14 6.32 4.70 -7.96
C ASP A 14 6.46 3.49 -7.05
N THR A 15 5.68 3.41 -5.96
CA THR A 15 5.77 2.30 -4.99
C THR A 15 4.61 2.43 -4.02
N PRO A 16 4.09 1.38 -3.34
CA PRO A 16 2.96 1.58 -2.45
C PRO A 16 3.40 2.13 -1.11
N ILE A 17 2.49 2.83 -0.37
CA ILE A 17 2.85 3.39 0.93
C ILE A 17 1.96 2.78 2.00
N SER A 18 1.28 1.63 1.77
CA SER A 18 0.34 1.12 2.77
C SER A 18 -0.02 -0.32 2.47
N PHE A 19 -0.51 -1.10 3.47
CA PHE A 19 -0.90 -2.49 3.20
C PHE A 19 -2.14 -2.86 4.00
N TYR A 20 -2.71 -4.08 3.81
CA TYR A 20 -3.97 -4.43 4.47
C TYR A 20 -3.86 -4.34 5.97
N GLY A 21 -4.95 -4.50 6.75
CA GLY A 21 -4.80 -4.52 8.20
C GLY A 21 -3.99 -5.73 8.61
N GLY A 1 -4.43 1.01 3.77
CA GLY A 1 -4.81 1.60 5.06
C GLY A 1 -4.28 0.79 6.23
N GLY A 2 -3.08 0.18 6.14
CA GLY A 2 -2.58 -0.62 7.25
C GLY A 2 -1.17 -1.12 6.99
N ALA A 3 -0.78 -2.32 7.50
CA ALA A 3 0.57 -2.82 7.29
C ALA A 3 0.59 -4.34 7.17
N GLY A 4 -0.33 -4.92 6.37
CA GLY A 4 -0.41 -6.36 6.18
C GLY A 4 0.40 -6.78 4.97
N HIS A 5 -0.04 -7.79 4.20
CA HIS A 5 0.73 -8.27 3.04
C HIS A 5 0.41 -7.52 1.77
N VAL A 6 -0.87 -7.22 1.45
CA VAL A 6 -1.21 -6.78 0.09
C VAL A 6 -1.27 -5.27 0.05
N PRO A 7 -0.71 -4.51 -0.94
CA PRO A 7 -0.77 -3.06 -0.86
C PRO A 7 -2.20 -2.54 -0.97
N GLU A 8 -2.55 -1.44 -0.26
CA GLU A 8 -3.91 -0.89 -0.36
C GLU A 8 -3.99 -0.03 -1.59
N TYR A 9 -3.06 0.94 -1.76
CA TYR A 9 -3.12 1.84 -2.90
C TYR A 9 -1.72 2.26 -3.29
N PHE A 10 -1.56 2.98 -4.42
CA PHE A 10 -0.24 3.38 -4.91
C PHE A 10 -0.19 4.87 -5.13
N VAL A 11 1.02 5.44 -5.37
CA VAL A 11 1.15 6.87 -5.65
C VAL A 11 1.11 7.04 -7.15
N ARG A 12 1.38 8.24 -7.70
CA ARG A 12 1.48 8.38 -9.15
C ARG A 12 2.72 7.70 -9.65
N GLY A 13 2.73 6.34 -9.73
CA GLY A 13 3.84 5.63 -10.35
C GLY A 13 5.13 5.73 -9.57
N ASP A 14 5.29 4.96 -8.46
CA ASP A 14 6.60 4.88 -7.82
C ASP A 14 6.69 3.65 -6.93
N THR A 15 5.92 3.59 -5.82
CA THR A 15 5.96 2.46 -4.88
C THR A 15 4.83 2.66 -3.89
N PRO A 16 4.22 1.65 -3.22
CA PRO A 16 3.09 1.92 -2.33
C PRO A 16 3.56 2.45 -1.00
N ILE A 17 2.63 2.91 -0.13
CA ILE A 17 3.00 3.37 1.21
C ILE A 17 1.98 2.81 2.18
N SER A 18 1.55 1.53 2.03
CA SER A 18 0.54 0.98 2.94
C SER A 18 0.12 -0.40 2.51
N PHE A 19 -0.41 -1.24 3.43
CA PHE A 19 -0.85 -2.59 3.10
C PHE A 19 -2.09 -2.93 3.90
N TYR A 20 -2.72 -4.12 3.67
CA TYR A 20 -3.98 -4.45 4.34
C TYR A 20 -3.83 -4.41 5.85
N GLY A 21 -4.91 -4.61 6.65
CA GLY A 21 -4.77 -4.66 8.10
C GLY A 21 -5.82 -5.55 8.72
N GLY A 1 -4.40 0.82 3.95
CA GLY A 1 -4.78 1.39 5.24
C GLY A 1 -4.25 0.56 6.39
N GLY A 2 -3.05 -0.03 6.27
CA GLY A 2 -2.52 -0.85 7.37
C GLY A 2 -1.11 -1.34 7.08
N ALA A 3 -0.72 -2.55 7.55
CA ALA A 3 0.64 -3.03 7.31
C ALA A 3 0.69 -4.54 7.17
N GLY A 4 -0.24 -5.12 6.37
CA GLY A 4 -0.30 -6.56 6.16
C GLY A 4 0.48 -6.95 4.93
N HIS A 5 -0.03 -7.90 4.10
CA HIS A 5 0.73 -8.41 2.94
C HIS A 5 0.42 -7.67 1.66
N VAL A 6 -0.85 -7.29 1.38
CA VAL A 6 -1.20 -6.83 0.03
C VAL A 6 -1.29 -5.32 0.02
N PRO A 7 -0.75 -4.53 -0.95
CA PRO A 7 -0.82 -3.07 -0.84
C PRO A 7 -2.25 -2.57 -0.92
N GLU A 8 -2.61 -1.50 -0.17
CA GLU A 8 -3.97 -0.96 -0.25
C GLU A 8 -4.06 -0.05 -1.45
N TYR A 9 -3.14 0.91 -1.60
CA TYR A 9 -3.21 1.85 -2.73
C TYR A 9 -1.81 2.29 -3.12
N PHE A 10 -1.68 3.04 -4.25
CA PHE A 10 -0.37 3.44 -4.74
C PHE A 10 -0.32 4.94 -4.89
N VAL A 11 0.88 5.51 -5.18
CA VAL A 11 1.04 6.96 -5.32
C VAL A 11 0.92 7.29 -6.80
N ARG A 12 1.30 8.50 -7.26
CA ARG A 12 1.33 8.79 -8.69
C ARG A 12 2.48 8.04 -9.33
N GLY A 13 2.43 6.69 -9.40
CA GLY A 13 3.49 5.93 -10.07
C GLY A 13 4.82 5.98 -9.34
N ASP A 14 5.02 5.17 -8.27
CA ASP A 14 6.36 5.03 -7.71
C ASP A 14 6.46 3.77 -6.85
N THR A 15 5.82 3.74 -5.66
CA THR A 15 5.84 2.56 -4.78
C THR A 15 4.72 2.72 -3.78
N PRO A 16 4.12 1.66 -3.15
CA PRO A 16 3.01 1.90 -2.24
C PRO A 16 3.50 2.39 -0.90
N ILE A 17 2.58 2.88 -0.02
CA ILE A 17 2.96 3.28 1.32
C ILE A 17 1.96 2.68 2.29
N SER A 18 1.46 1.44 2.07
CA SER A 18 0.46 0.89 2.97
C SER A 18 0.15 -0.54 2.60
N PHE A 19 -0.40 -1.37 3.53
CA PHE A 19 -0.81 -2.73 3.19
C PHE A 19 -2.06 -3.10 3.98
N TYR A 20 -2.69 -4.27 3.72
CA TYR A 20 -3.96 -4.61 4.37
C TYR A 20 -3.80 -4.63 5.89
N GLY A 21 -4.89 -4.74 6.68
CA GLY A 21 -4.70 -4.88 8.12
C GLY A 21 -6.01 -4.77 8.87
N GLY A 1 -4.36 0.79 3.99
CA GLY A 1 -4.71 1.39 5.27
C GLY A 1 -4.05 0.69 6.43
N GLY A 2 -2.81 0.18 6.28
CA GLY A 2 -2.15 -0.50 7.39
C GLY A 2 -0.74 -0.93 7.05
N ALA A 3 -0.26 -2.10 7.54
CA ALA A 3 1.10 -2.54 7.24
C ALA A 3 1.17 -4.05 7.14
N GLY A 4 0.19 -4.68 6.45
CA GLY A 4 0.17 -6.13 6.30
C GLY A 4 0.91 -6.56 5.05
N HIS A 5 0.41 -7.59 4.32
CA HIS A 5 1.14 -8.12 3.16
C HIS A 5 0.73 -7.47 1.85
N VAL A 6 -0.58 -7.17 1.63
CA VAL A 6 -1.04 -6.80 0.28
C VAL A 6 -1.16 -5.28 0.20
N PRO A 7 -0.71 -4.54 -0.84
CA PRO A 7 -0.83 -3.09 -0.79
C PRO A 7 -2.26 -2.62 -0.85
N GLU A 8 -2.63 -1.53 -0.13
CA GLU A 8 -4.01 -1.01 -0.17
C GLU A 8 -4.15 -0.08 -1.36
N TYR A 9 -3.25 0.92 -1.49
CA TYR A 9 -3.37 1.93 -2.53
C TYR A 9 -2.05 2.10 -3.23
N PHE A 10 -2.02 2.92 -4.31
CA PHE A 10 -0.78 3.17 -5.03
C PHE A 10 -0.64 4.65 -5.30
N VAL A 11 0.52 5.10 -5.81
CA VAL A 11 0.77 6.52 -6.05
C VAL A 11 0.66 6.74 -7.54
N ARG A 12 1.12 7.89 -8.07
CA ARG A 12 1.13 8.08 -9.53
C ARG A 12 2.27 7.26 -10.11
N GLY A 13 2.20 5.91 -10.06
CA GLY A 13 3.22 5.09 -10.71
C GLY A 13 4.59 5.21 -10.07
N ASP A 14 4.85 4.49 -8.95
CA ASP A 14 6.22 4.47 -8.41
C ASP A 14 6.39 3.35 -7.39
N THR A 15 5.66 3.40 -6.25
CA THR A 15 5.74 2.36 -5.22
C THR A 15 4.64 2.60 -4.21
N PRO A 16 3.95 1.60 -3.59
CA PRO A 16 2.86 1.94 -2.67
C PRO A 16 3.40 2.46 -1.37
N ILE A 17 2.51 2.94 -0.46
CA ILE A 17 2.96 3.46 0.83
C ILE A 17 2.05 2.91 1.92
N SER A 18 1.62 1.63 1.83
CA SER A 18 0.68 1.10 2.82
C SER A 18 0.24 -0.31 2.47
N PHE A 19 -0.21 -1.11 3.46
CA PHE A 19 -0.63 -2.49 3.19
C PHE A 19 -1.80 -2.87 4.07
N TYR A 20 -2.38 -4.08 3.91
CA TYR A 20 -3.59 -4.46 4.66
C TYR A 20 -3.38 -4.38 6.15
N GLY A 21 -4.44 -4.58 6.98
CA GLY A 21 -4.25 -4.58 8.43
C GLY A 21 -4.32 -3.16 8.95
N GLY A 1 -4.32 0.61 4.22
CA GLY A 1 -4.66 1.15 5.53
C GLY A 1 -4.02 0.36 6.65
N GLY A 2 -2.78 -0.14 6.48
CA GLY A 2 -2.13 -0.89 7.56
C GLY A 2 -0.73 -1.32 7.18
N ALA A 3 -0.24 -2.51 7.63
CA ALA A 3 1.12 -2.94 7.29
C ALA A 3 1.19 -4.43 7.12
N GLY A 4 0.22 -5.04 6.39
CA GLY A 4 0.21 -6.48 6.15
C GLY A 4 0.93 -6.81 4.87
N HIS A 5 0.48 -7.86 4.12
CA HIS A 5 1.17 -8.24 2.88
C HIS A 5 0.70 -7.46 1.67
N VAL A 6 -0.62 -7.28 1.46
CA VAL A 6 -1.11 -6.82 0.15
C VAL A 6 -1.22 -5.31 0.15
N PRO A 7 -0.77 -4.51 -0.86
CA PRO A 7 -0.89 -3.06 -0.76
C PRO A 7 -2.32 -2.58 -0.79
N GLU A 8 -2.68 -1.52 -0.03
CA GLU A 8 -4.04 -1.00 -0.05
C GLU A 8 -4.18 0.00 -1.18
N TYR A 9 -3.23 0.95 -1.30
CA TYR A 9 -3.35 2.03 -2.28
C TYR A 9 -2.03 2.22 -3.00
N PHE A 10 -1.98 3.13 -4.00
CA PHE A 10 -0.74 3.41 -4.72
C PHE A 10 -0.60 4.90 -4.90
N VAL A 11 0.59 5.36 -5.37
CA VAL A 11 0.83 6.79 -5.55
C VAL A 11 0.68 7.08 -7.03
N ARG A 12 1.10 8.26 -7.54
CA ARG A 12 1.05 8.50 -8.99
C ARG A 12 2.19 7.75 -9.66
N GLY A 13 2.19 6.40 -9.63
CA GLY A 13 3.22 5.64 -10.33
C GLY A 13 4.58 5.69 -9.68
N ASP A 14 4.83 4.90 -8.60
CA ASP A 14 6.20 4.80 -8.06
C ASP A 14 6.34 3.62 -7.12
N THR A 15 5.65 3.63 -5.95
CA THR A 15 5.72 2.52 -4.99
C THR A 15 4.64 2.73 -3.95
N PRO A 16 3.92 1.71 -3.38
CA PRO A 16 2.85 2.02 -2.44
C PRO A 16 3.40 2.47 -1.10
N ILE A 17 2.53 2.93 -0.18
CA ILE A 17 2.99 3.37 1.15
C ILE A 17 2.05 2.80 2.20
N SER A 18 1.61 1.53 2.08
CA SER A 18 0.70 0.95 3.06
C SER A 18 0.24 -0.41 2.63
N PHE A 19 -0.21 -1.28 3.58
CA PHE A 19 -0.65 -2.63 3.24
C PHE A 19 -1.81 -3.05 4.11
N TYR A 20 -2.40 -4.26 3.91
CA TYR A 20 -3.61 -4.65 4.65
C TYR A 20 -3.37 -4.66 6.15
N GLY A 21 -4.41 -4.87 6.98
CA GLY A 21 -4.20 -4.97 8.43
C GLY A 21 -4.80 -3.78 9.12
N GLY A 1 -4.38 0.83 3.96
CA GLY A 1 -4.75 1.43 5.24
C GLY A 1 -4.06 0.77 6.41
N GLY A 2 -2.83 0.22 6.25
CA GLY A 2 -2.16 -0.40 7.39
C GLY A 2 -0.77 -0.91 7.04
N ALA A 3 -0.34 -2.09 7.54
CA ALA A 3 1.02 -2.57 7.24
C ALA A 3 1.04 -4.08 7.15
N GLY A 4 0.04 -4.68 6.45
CA GLY A 4 -0.04 -6.13 6.30
C GLY A 4 0.71 -6.60 5.07
N HIS A 5 0.19 -7.60 4.32
CA HIS A 5 0.93 -8.21 3.21
C HIS A 5 0.59 -7.59 1.87
N VAL A 6 -0.67 -7.17 1.61
CA VAL A 6 -1.08 -6.77 0.26
C VAL A 6 -1.19 -5.26 0.19
N PRO A 7 -0.71 -4.51 -0.84
CA PRO A 7 -0.82 -3.06 -0.79
C PRO A 7 -2.25 -2.57 -0.86
N GLU A 8 -2.60 -1.48 -0.15
CA GLU A 8 -3.98 -0.95 -0.21
C GLU A 8 -4.08 -0.01 -1.38
N TYR A 9 -3.17 0.99 -1.48
CA TYR A 9 -3.25 2.01 -2.53
C TYR A 9 -1.92 2.16 -3.21
N PHE A 10 -1.84 2.98 -4.28
CA PHE A 10 -0.58 3.22 -4.98
C PHE A 10 -0.43 4.70 -5.22
N VAL A 11 0.77 5.14 -5.69
CA VAL A 11 1.03 6.56 -5.94
C VAL A 11 0.91 6.76 -7.43
N ARG A 12 1.31 7.92 -7.99
CA ARG A 12 1.31 8.08 -9.45
C ARG A 12 2.52 7.37 -10.03
N GLY A 13 2.55 6.02 -9.96
CA GLY A 13 3.60 5.25 -10.64
C GLY A 13 4.94 5.32 -9.93
N ASP A 14 5.15 4.55 -8.82
CA ASP A 14 6.49 4.47 -8.23
C ASP A 14 6.59 3.32 -7.24
N THR A 15 5.85 3.36 -6.11
CA THR A 15 5.89 2.29 -5.11
C THR A 15 4.78 2.55 -4.10
N PRO A 16 4.05 1.56 -3.50
CA PRO A 16 2.98 1.90 -2.60
C PRO A 16 3.50 2.41 -1.28
N ILE A 17 2.61 2.92 -0.38
CA ILE A 17 3.04 3.43 0.92
C ILE A 17 2.10 2.88 1.98
N SER A 18 1.65 1.61 1.89
CA SER A 18 0.70 1.09 2.87
C SER A 18 0.22 -0.30 2.48
N PHE A 19 -0.25 -1.11 3.46
CA PHE A 19 -0.69 -2.48 3.18
C PHE A 19 -1.87 -2.84 4.05
N TYR A 20 -2.46 -4.05 3.88
CA TYR A 20 -3.69 -4.41 4.61
C TYR A 20 -3.50 -4.34 6.12
N GLY A 21 -4.55 -4.57 6.93
CA GLY A 21 -4.37 -4.58 8.38
C GLY A 21 -4.42 -3.17 8.91
N GLY A 1 -4.29 0.79 4.09
CA GLY A 1 -4.63 1.38 5.39
C GLY A 1 -3.98 0.65 6.54
N GLY A 2 -2.79 0.01 6.37
CA GLY A 2 -2.16 -0.69 7.49
C GLY A 2 -0.77 -1.17 7.12
N ALA A 3 -0.34 -2.37 7.58
CA ALA A 3 1.02 -2.84 7.26
C ALA A 3 1.04 -4.36 7.12
N GLY A 4 0.06 -4.94 6.38
CA GLY A 4 0.00 -6.38 6.17
C GLY A 4 0.73 -6.77 4.91
N HIS A 5 0.25 -7.79 4.17
CA HIS A 5 0.96 -8.26 2.97
C HIS A 5 0.55 -7.50 1.72
N VAL A 6 -0.74 -7.21 1.49
CA VAL A 6 -1.19 -6.76 0.17
C VAL A 6 -1.27 -5.24 0.14
N PRO A 7 -0.78 -4.47 -0.88
CA PRO A 7 -0.86 -3.02 -0.79
C PRO A 7 -2.29 -2.52 -0.83
N GLU A 8 -2.64 -1.45 -0.09
CA GLU A 8 -4.00 -0.89 -0.13
C GLU A 8 -4.11 0.08 -1.27
N TYR A 9 -3.15 1.04 -1.38
CA TYR A 9 -3.24 2.11 -2.37
C TYR A 9 -1.92 2.25 -3.08
N PHE A 10 -1.83 3.12 -4.11
CA PHE A 10 -0.57 3.37 -4.80
C PHE A 10 -0.40 4.85 -5.01
N VAL A 11 0.81 5.28 -5.45
CA VAL A 11 1.08 6.71 -5.68
C VAL A 11 0.98 6.93 -7.17
N ARG A 12 1.39 8.11 -7.70
CA ARG A 12 1.41 8.27 -9.15
C ARG A 12 2.59 7.50 -9.73
N GLY A 13 2.53 6.14 -9.74
CA GLY A 13 3.55 5.36 -10.42
C GLY A 13 4.91 5.43 -9.75
N ASP A 14 5.13 4.67 -8.64
CA ASP A 14 6.48 4.59 -8.08
C ASP A 14 6.60 3.43 -7.10
N THR A 15 5.86 3.46 -5.96
CA THR A 15 5.90 2.37 -4.99
C THR A 15 4.80 2.60 -3.96
N PRO A 16 4.06 1.62 -3.40
CA PRO A 16 2.98 1.95 -2.48
C PRO A 16 3.52 2.42 -1.15
N ILE A 17 2.63 2.91 -0.24
CA ILE A 17 3.07 3.38 1.08
C ILE A 17 2.12 2.83 2.13
N SER A 18 1.68 1.56 2.01
CA SER A 18 0.74 1.01 3.00
C SER A 18 0.25 -0.36 2.58
N PHE A 19 -0.21 -1.21 3.54
CA PHE A 19 -0.67 -2.55 3.20
C PHE A 19 -1.85 -2.93 4.05
N TYR A 20 -2.48 -4.11 3.85
CA TYR A 20 -3.71 -4.46 4.58
C TYR A 20 -3.49 -4.44 6.08
N GLY A 21 -4.54 -4.58 6.92
CA GLY A 21 -4.31 -4.68 8.35
C GLY A 21 -3.39 -5.85 8.61
N GLY A 1 -4.32 0.60 4.24
CA GLY A 1 -4.65 1.16 5.55
C GLY A 1 -3.96 0.43 6.67
N GLY A 2 -2.74 -0.12 6.47
CA GLY A 2 -2.06 -0.83 7.55
C GLY A 2 -0.65 -1.24 7.15
N ALA A 3 -0.16 -2.44 7.58
CA ALA A 3 1.20 -2.85 7.23
C ALA A 3 1.30 -4.36 7.07
N GLY A 4 0.32 -4.98 6.35
CA GLY A 4 0.33 -6.42 6.14
C GLY A 4 1.03 -6.77 4.85
N HIS A 5 0.59 -7.82 4.12
CA HIS A 5 1.27 -8.23 2.88
C HIS A 5 0.78 -7.46 1.67
N VAL A 6 -0.54 -7.26 1.48
CA VAL A 6 -1.04 -6.80 0.19
C VAL A 6 -1.17 -5.29 0.16
N PRO A 7 -0.74 -4.50 -0.86
CA PRO A 7 -0.87 -3.06 -0.76
C PRO A 7 -2.32 -2.60 -0.76
N GLU A 8 -2.68 -1.53 0.00
CA GLU A 8 -4.05 -1.04 0.00
C GLU A 8 -4.22 -0.06 -1.14
N TYR A 9 -3.34 0.96 -1.23
CA TYR A 9 -3.49 2.01 -2.23
C TYR A 9 -2.18 2.22 -2.95
N PHE A 10 -2.16 3.08 -4.01
CA PHE A 10 -0.94 3.37 -4.73
C PHE A 10 -0.83 4.86 -4.94
N VAL A 11 0.34 5.35 -5.43
CA VAL A 11 0.55 6.78 -5.64
C VAL A 11 0.39 7.04 -7.13
N ARG A 12 0.74 8.24 -7.64
CA ARG A 12 0.76 8.45 -9.07
C ARG A 12 1.91 7.67 -9.68
N GLY A 13 1.84 6.32 -9.74
CA GLY A 13 2.88 5.54 -10.42
C GLY A 13 4.26 5.66 -9.79
N ASP A 14 4.57 4.91 -8.70
CA ASP A 14 5.94 4.88 -8.19
C ASP A 14 6.14 3.73 -7.23
N THR A 15 5.44 3.72 -6.07
CA THR A 15 5.57 2.63 -5.10
C THR A 15 4.48 2.81 -4.04
N PRO A 16 3.81 1.79 -3.47
CA PRO A 16 2.75 2.07 -2.50
C PRO A 16 3.31 2.54 -1.19
N ILE A 17 2.44 2.99 -0.24
CA ILE A 17 2.92 3.46 1.06
C ILE A 17 2.04 2.85 2.14
N SER A 18 1.60 1.58 2.01
CA SER A 18 0.70 1.00 3.00
C SER A 18 0.26 -0.38 2.58
N PHE A 19 -0.17 -1.25 3.55
CA PHE A 19 -0.59 -2.60 3.22
C PHE A 19 -1.75 -3.04 4.11
N TYR A 20 -2.33 -4.24 3.91
CA TYR A 20 -3.52 -4.63 4.67
C TYR A 20 -3.26 -4.62 6.17
N GLY A 21 -4.29 -4.78 7.02
CA GLY A 21 -4.03 -4.83 8.47
C GLY A 21 -5.26 -5.19 9.26
N GLY A 1 -4.46 0.81 4.01
CA GLY A 1 -4.81 1.35 5.33
C GLY A 1 -4.22 0.52 6.46
N GLY A 2 -3.01 -0.05 6.31
CA GLY A 2 -2.44 -0.85 7.39
C GLY A 2 -1.06 -1.37 7.08
N ALA A 3 -0.69 -2.60 7.52
CA ALA A 3 0.67 -3.11 7.28
C ALA A 3 0.70 -4.62 7.10
N GLY A 4 -0.25 -5.18 6.31
CA GLY A 4 -0.29 -6.61 6.05
C GLY A 4 0.52 -6.96 4.82
N HIS A 5 0.09 -7.95 4.01
CA HIS A 5 0.86 -8.35 2.82
C HIS A 5 0.49 -7.57 1.57
N VAL A 6 -0.81 -7.30 1.31
CA VAL A 6 -1.21 -6.82 -0.02
C VAL A 6 -1.29 -5.30 0.00
N PRO A 7 -0.76 -4.49 -0.96
CA PRO A 7 -0.83 -3.05 -0.83
C PRO A 7 -2.26 -2.55 -0.89
N GLU A 8 -2.61 -1.47 -0.14
CA GLU A 8 -3.97 -0.94 -0.19
C GLU A 8 -4.09 -0.04 -1.39
N TYR A 9 -3.16 0.94 -1.55
CA TYR A 9 -3.24 1.87 -2.67
C TYR A 9 -1.85 2.33 -3.06
N PHE A 10 -1.72 3.09 -4.18
CA PHE A 10 -0.41 3.52 -4.66
C PHE A 10 -0.42 5.03 -4.83
N VAL A 11 0.77 5.63 -5.09
CA VAL A 11 0.87 7.08 -5.25
C VAL A 11 0.78 7.39 -6.72
N ARG A 12 1.11 8.63 -7.17
CA ARG A 12 1.13 8.93 -8.60
C ARG A 12 2.30 8.17 -9.25
N GLY A 13 2.24 6.83 -9.34
CA GLY A 13 3.32 6.09 -10.01
C GLY A 13 4.64 6.14 -9.29
N ASP A 14 4.86 5.33 -8.22
CA ASP A 14 6.20 5.22 -7.64
C ASP A 14 6.35 3.96 -6.80
N THR A 15 5.61 3.85 -5.67
CA THR A 15 5.73 2.68 -4.78
C THR A 15 4.61 2.81 -3.75
N PRO A 16 4.06 1.75 -3.10
CA PRO A 16 2.95 1.96 -2.18
C PRO A 16 3.44 2.45 -0.82
N ILE A 17 2.51 2.89 0.06
CA ILE A 17 2.90 3.31 1.42
C ILE A 17 1.88 2.72 2.37
N SER A 18 1.48 1.44 2.19
CA SER A 18 0.48 0.84 3.09
C SER A 18 0.10 -0.54 2.62
N PHE A 19 -0.43 -1.40 3.54
CA PHE A 19 -0.85 -2.75 3.17
C PHE A 19 -2.07 -3.15 3.97
N TYR A 20 -2.68 -4.33 3.70
CA TYR A 20 -3.94 -4.70 4.37
C TYR A 20 -3.80 -4.75 5.88
N GLY A 21 -4.89 -4.99 6.64
CA GLY A 21 -4.75 -5.11 8.09
C GLY A 21 -4.72 -3.75 8.71
N GLY A 1 -4.28 0.78 4.01
CA GLY A 1 -4.66 1.39 5.29
C GLY A 1 -4.05 0.68 6.48
N GLY A 2 -2.87 0.04 6.33
CA GLY A 2 -2.26 -0.66 7.46
C GLY A 2 -0.87 -1.15 7.14
N ALA A 3 -0.45 -2.36 7.59
CA ALA A 3 0.89 -2.85 7.30
C ALA A 3 0.91 -4.36 7.13
N GLY A 4 -0.07 -4.92 6.37
CA GLY A 4 -0.15 -6.36 6.15
C GLY A 4 0.62 -6.74 4.91
N HIS A 5 0.14 -7.77 4.15
CA HIS A 5 0.88 -8.24 2.97
C HIS A 5 0.51 -7.50 1.70
N VAL A 6 -0.78 -7.17 1.46
CA VAL A 6 -1.20 -6.71 0.13
C VAL A 6 -1.27 -5.20 0.12
N PRO A 7 -0.76 -4.43 -0.88
CA PRO A 7 -0.84 -2.98 -0.80
C PRO A 7 -2.27 -2.47 -0.88
N GLU A 8 -2.62 -1.39 -0.14
CA GLU A 8 -3.99 -0.84 -0.22
C GLU A 8 -4.05 0.16 -1.36
N TYR A 9 -3.10 1.11 -1.42
CA TYR A 9 -3.15 2.19 -2.40
C TYR A 9 -1.80 2.35 -3.06
N PHE A 10 -1.69 3.25 -4.07
CA PHE A 10 -0.40 3.51 -4.72
C PHE A 10 -0.23 4.99 -4.92
N VAL A 11 1.00 5.45 -5.26
CA VAL A 11 1.26 6.88 -5.51
C VAL A 11 1.16 7.06 -7.01
N ARG A 12 1.59 8.21 -7.57
CA ARG A 12 1.57 8.36 -9.03
C ARG A 12 2.71 7.57 -9.63
N GLY A 13 2.63 6.21 -9.61
CA GLY A 13 3.64 5.40 -10.29
C GLY A 13 4.99 5.45 -9.61
N ASP A 14 5.20 4.70 -8.50
CA ASP A 14 6.54 4.62 -7.92
C ASP A 14 6.65 3.45 -6.96
N THR A 15 5.89 3.45 -5.84
CA THR A 15 5.94 2.35 -4.87
C THR A 15 4.80 2.53 -3.87
N PRO A 16 4.11 1.49 -3.33
CA PRO A 16 3.02 1.76 -2.40
C PRO A 16 3.54 2.15 -1.05
N ILE A 17 2.73 2.84 -0.21
CA ILE A 17 3.18 3.32 1.10
C ILE A 17 2.32 2.71 2.19
N SER A 18 1.65 1.56 1.97
CA SER A 18 0.74 1.03 3.00
C SER A 18 0.19 -0.32 2.59
N PHE A 19 -0.28 -1.16 3.55
CA PHE A 19 -0.74 -2.51 3.20
C PHE A 19 -1.95 -2.89 4.04
N TYR A 20 -2.56 -4.08 3.84
CA TYR A 20 -3.79 -4.43 4.54
C TYR A 20 -3.60 -4.39 6.05
N GLY A 21 -4.66 -4.54 6.87
CA GLY A 21 -4.48 -4.62 8.31
C GLY A 21 -3.84 -5.94 8.65
N GLY A 1 -4.37 0.94 3.74
CA GLY A 1 -4.74 1.60 4.98
C GLY A 1 -4.23 0.87 6.21
N GLY A 2 -3.10 0.12 6.11
CA GLY A 2 -2.59 -0.60 7.28
C GLY A 2 -1.18 -1.09 7.04
N ALA A 3 -0.80 -2.30 7.50
CA ALA A 3 0.56 -2.79 7.30
C ALA A 3 0.61 -4.30 7.17
N GLY A 4 -0.31 -4.89 6.36
CA GLY A 4 -0.35 -6.33 6.16
C GLY A 4 0.46 -6.72 4.94
N HIS A 5 0.06 -7.77 4.18
CA HIS A 5 0.83 -8.20 3.02
C HIS A 5 0.46 -7.46 1.75
N VAL A 6 -0.83 -7.19 1.47
CA VAL A 6 -1.22 -6.76 0.12
C VAL A 6 -1.29 -5.25 0.08
N PRO A 7 -0.74 -4.50 -0.91
CA PRO A 7 -0.82 -3.04 -0.85
C PRO A 7 -2.25 -2.55 -0.98
N GLU A 8 -2.64 -1.46 -0.27
CA GLU A 8 -4.00 -0.93 -0.39
C GLU A 8 -4.08 -0.07 -1.63
N TYR A 9 -3.13 0.90 -1.79
CA TYR A 9 -3.19 1.81 -2.93
C TYR A 9 -1.77 2.22 -3.30
N PHE A 10 -1.60 2.95 -4.44
CA PHE A 10 -0.27 3.33 -4.90
C PHE A 10 -0.21 4.83 -5.11
N VAL A 11 1.01 5.39 -5.31
CA VAL A 11 1.14 6.82 -5.60
C VAL A 11 1.13 6.93 -7.11
N ARG A 12 1.42 8.10 -7.71
CA ARG A 12 1.48 8.19 -9.17
C ARG A 12 2.70 7.46 -9.69
N GLY A 13 2.67 6.10 -9.73
CA GLY A 13 3.75 5.35 -10.37
C GLY A 13 5.06 5.47 -9.63
N ASP A 14 5.24 4.76 -8.49
CA ASP A 14 6.55 4.74 -7.84
C ASP A 14 6.69 3.58 -6.87
N THR A 15 5.85 3.53 -5.80
CA THR A 15 5.95 2.45 -4.80
C THR A 15 4.78 2.58 -3.84
N PRO A 16 4.15 1.51 -3.27
CA PRO A 16 3.02 1.73 -2.37
C PRO A 16 3.51 2.16 -1.01
N ILE A 17 2.65 2.85 -0.22
CA ILE A 17 3.06 3.37 1.09
C ILE A 17 2.19 2.75 2.17
N SER A 18 1.53 1.58 1.94
CA SER A 18 0.60 1.04 2.94
C SER A 18 0.08 -0.31 2.53
N PHE A 19 -0.42 -1.15 3.48
CA PHE A 19 -0.87 -2.50 3.13
C PHE A 19 -2.11 -2.87 3.92
N TYR A 20 -2.72 -4.05 3.69
CA TYR A 20 -3.99 -4.40 4.36
C TYR A 20 -3.84 -4.38 5.87
N GLY A 21 -4.94 -4.53 6.65
CA GLY A 21 -4.79 -4.56 8.10
C GLY A 21 -5.98 -5.22 8.75
N GLY A 1 -4.49 1.00 3.57
CA GLY A 1 -4.88 1.66 4.82
C GLY A 1 -4.33 1.00 6.06
N GLY A 2 -3.21 0.24 5.98
CA GLY A 2 -2.67 -0.41 7.18
C GLY A 2 -1.25 -0.89 6.96
N ALA A 3 -0.83 -2.06 7.51
CA ALA A 3 0.54 -2.53 7.32
C ALA A 3 0.60 -4.05 7.28
N GLY A 4 -0.29 -4.68 6.49
CA GLY A 4 -0.30 -6.14 6.34
C GLY A 4 0.53 -6.56 5.15
N HIS A 5 0.14 -7.63 4.42
CA HIS A 5 0.94 -8.09 3.28
C HIS A 5 0.56 -7.40 1.97
N VAL A 6 -0.75 -7.20 1.67
CA VAL A 6 -1.13 -6.82 0.30
C VAL A 6 -1.21 -5.32 0.18
N PRO A 7 -0.68 -4.60 -0.84
CA PRO A 7 -0.78 -3.14 -0.85
C PRO A 7 -2.22 -2.69 -0.99
N GLU A 8 -2.62 -1.57 -0.33
CA GLU A 8 -4.00 -1.07 -0.47
C GLU A 8 -4.09 -0.26 -1.74
N TYR A 9 -3.16 0.70 -1.96
CA TYR A 9 -3.23 1.56 -3.15
C TYR A 9 -1.84 1.97 -3.55
N PHE A 10 -1.69 2.66 -4.72
CA PHE A 10 -0.37 3.07 -5.20
C PHE A 10 -0.39 4.55 -5.51
N VAL A 11 0.80 5.16 -5.76
CA VAL A 11 0.86 6.57 -6.13
C VAL A 11 0.83 6.64 -7.64
N ARG A 12 1.07 7.82 -8.25
CA ARG A 12 1.16 7.90 -9.71
C ARG A 12 2.44 7.22 -10.17
N GLY A 13 2.49 5.87 -10.14
CA GLY A 13 3.64 5.15 -10.70
C GLY A 13 4.91 5.35 -9.92
N ASP A 14 5.09 4.67 -8.76
CA ASP A 14 6.39 4.67 -8.09
C ASP A 14 6.51 3.52 -7.12
N THR A 15 5.72 3.50 -6.01
CA THR A 15 5.81 2.41 -5.04
C THR A 15 4.65 2.55 -4.05
N PRO A 16 4.10 1.50 -3.39
CA PRO A 16 2.96 1.73 -2.51
C PRO A 16 3.39 2.33 -1.20
N ILE A 17 2.44 2.88 -0.40
CA ILE A 17 2.79 3.46 0.89
C ILE A 17 1.75 2.98 1.90
N SER A 18 1.44 1.66 1.92
CA SER A 18 0.47 1.13 2.86
C SER A 18 0.06 -0.27 2.47
N PHE A 19 -0.43 -1.10 3.42
CA PHE A 19 -0.85 -2.47 3.12
C PHE A 19 -2.09 -2.81 3.91
N TYR A 20 -2.68 -4.02 3.75
CA TYR A 20 -3.94 -4.35 4.44
C TYR A 20 -3.77 -4.24 5.94
N GLY A 21 -4.82 -4.45 6.77
CA GLY A 21 -4.61 -4.41 8.21
C GLY A 21 -3.46 -5.31 8.59
N GLY A 1 -4.26 1.10 3.70
CA GLY A 1 -4.61 1.72 4.98
C GLY A 1 -4.11 0.95 6.19
N GLY A 2 -3.02 0.15 6.09
CA GLY A 2 -2.54 -0.60 7.25
C GLY A 2 -1.14 -1.12 7.03
N ALA A 3 -0.78 -2.33 7.51
CA ALA A 3 0.58 -2.84 7.31
C ALA A 3 0.60 -4.35 7.19
N GLY A 4 -0.32 -4.92 6.37
CA GLY A 4 -0.40 -6.37 6.19
C GLY A 4 0.42 -6.79 4.98
N HIS A 5 -0.03 -7.83 4.22
CA HIS A 5 0.75 -8.33 3.08
C HIS A 5 0.43 -7.60 1.80
N VAL A 6 -0.84 -7.24 1.50
CA VAL A 6 -1.19 -6.81 0.13
C VAL A 6 -1.23 -5.30 0.09
N PRO A 7 -0.66 -4.54 -0.90
CA PRO A 7 -0.72 -3.08 -0.83
C PRO A 7 -2.12 -2.56 -0.95
N GLU A 8 -2.47 -1.43 -0.29
CA GLU A 8 -3.81 -0.86 -0.40
C GLU A 8 -3.87 -0.01 -1.65
N TYR A 9 -2.91 0.93 -1.85
CA TYR A 9 -2.96 1.82 -3.00
C TYR A 9 -1.56 2.25 -3.40
N PHE A 10 -1.42 2.99 -4.52
CA PHE A 10 -0.11 3.38 -5.04
C PHE A 10 -0.08 4.88 -5.26
N VAL A 11 1.07 5.46 -5.70
CA VAL A 11 1.16 6.90 -5.95
C VAL A 11 1.12 7.05 -7.46
N ARG A 12 1.54 8.18 -8.07
CA ARG A 12 1.56 8.29 -9.52
C ARG A 12 2.75 7.51 -10.03
N GLY A 13 2.71 6.15 -10.00
CA GLY A 13 3.81 5.37 -10.54
C GLY A 13 5.06 5.53 -9.71
N ASP A 14 5.16 4.82 -8.55
CA ASP A 14 6.38 4.90 -7.75
C ASP A 14 6.55 3.66 -6.88
N THR A 15 5.70 3.47 -5.85
CA THR A 15 5.83 2.33 -4.92
C THR A 15 4.73 2.46 -3.89
N PRO A 16 4.15 1.42 -3.25
CA PRO A 16 3.05 1.66 -2.34
C PRO A 16 3.55 2.23 -1.03
N ILE A 17 2.63 2.76 -0.17
CA ILE A 17 3.04 3.30 1.12
C ILE A 17 2.08 2.77 2.17
N SER A 18 1.63 1.50 2.07
CA SER A 18 0.64 0.99 3.02
C SER A 18 0.15 -0.38 2.56
N PHE A 19 -0.36 -1.22 3.49
CA PHE A 19 -0.82 -2.57 3.14
C PHE A 19 -2.07 -2.91 3.92
N TYR A 20 -2.71 -4.08 3.67
CA TYR A 20 -3.99 -4.40 4.32
C TYR A 20 -3.86 -4.38 5.82
N GLY A 21 -4.97 -4.48 6.60
CA GLY A 21 -4.82 -4.55 8.05
C GLY A 21 -6.14 -4.81 8.74
N GLY A 1 -4.24 1.07 3.84
CA GLY A 1 -4.57 1.67 5.13
C GLY A 1 -4.08 0.85 6.32
N GLY A 2 -2.97 0.08 6.20
CA GLY A 2 -2.49 -0.70 7.32
C GLY A 2 -1.09 -1.23 7.08
N ALA A 3 -0.74 -2.47 7.51
CA ALA A 3 0.62 -2.97 7.29
C ALA A 3 0.63 -4.49 7.14
N GLY A 4 -0.31 -5.05 6.34
CA GLY A 4 -0.37 -6.49 6.11
C GLY A 4 0.44 -6.87 4.88
N HIS A 5 0.02 -7.90 4.12
CA HIS A 5 0.78 -8.34 2.95
C HIS A 5 0.40 -7.59 1.68
N VAL A 6 -0.89 -7.26 1.42
CA VAL A 6 -1.28 -6.79 0.09
C VAL A 6 -1.31 -5.28 0.07
N PRO A 7 -0.75 -4.52 -0.91
CA PRO A 7 -0.78 -3.06 -0.82
C PRO A 7 -2.19 -2.52 -0.92
N GLU A 8 -2.53 -1.41 -0.22
CA GLU A 8 -3.87 -0.83 -0.30
C GLU A 8 -3.94 0.03 -1.54
N TYR A 9 -2.97 0.96 -1.72
CA TYR A 9 -3.02 1.87 -2.87
C TYR A 9 -1.63 2.26 -3.30
N PHE A 10 -1.49 2.99 -4.43
CA PHE A 10 -0.17 3.36 -4.96
C PHE A 10 -0.12 4.85 -5.17
N VAL A 11 1.05 5.40 -5.61
CA VAL A 11 1.17 6.83 -5.89
C VAL A 11 1.22 6.93 -7.41
N ARG A 12 1.59 8.08 -8.01
CA ARG A 12 1.68 8.18 -9.46
C ARG A 12 2.91 7.43 -9.93
N GLY A 13 2.87 6.08 -9.95
CA GLY A 13 3.99 5.30 -10.49
C GLY A 13 5.22 5.48 -9.65
N ASP A 14 5.31 4.82 -8.47
CA ASP A 14 6.52 4.94 -7.64
C ASP A 14 6.68 3.75 -6.71
N THR A 15 5.82 3.60 -5.68
CA THR A 15 5.93 2.47 -4.74
C THR A 15 4.80 2.57 -3.73
N PRO A 16 4.14 1.51 -3.22
CA PRO A 16 3.05 1.72 -2.28
C PRO A 16 3.57 2.20 -0.95
N ILE A 17 2.68 2.73 -0.07
CA ILE A 17 3.13 3.22 1.23
C ILE A 17 2.15 2.70 2.28
N SER A 18 1.66 1.44 2.13
CA SER A 18 0.65 0.93 3.07
C SER A 18 0.15 -0.42 2.62
N PHE A 19 -0.35 -1.28 3.53
CA PHE A 19 -0.83 -2.61 3.17
C PHE A 19 -2.07 -2.96 3.96
N TYR A 20 -2.73 -4.12 3.70
CA TYR A 20 -4.01 -4.42 4.36
C TYR A 20 -3.87 -4.44 5.87
N GLY A 21 -4.97 -4.49 6.63
CA GLY A 21 -4.86 -4.66 8.09
C GLY A 21 -4.43 -6.08 8.39
N GLY A 1 -4.42 0.94 3.84
CA GLY A 1 -4.79 1.55 5.13
C GLY A 1 -4.28 0.75 6.31
N GLY A 2 -3.12 0.06 6.20
CA GLY A 2 -2.60 -0.70 7.34
C GLY A 2 -1.19 -1.19 7.08
N ALA A 3 -0.79 -2.40 7.56
CA ALA A 3 0.57 -2.89 7.32
C ALA A 3 0.61 -4.40 7.21
N GLY A 4 -0.32 -4.99 6.41
CA GLY A 4 -0.35 -6.43 6.21
C GLY A 4 0.45 -6.82 4.98
N HIS A 5 0.02 -7.83 4.21
CA HIS A 5 0.79 -8.27 3.03
C HIS A 5 0.42 -7.52 1.76
N VAL A 6 -0.88 -7.27 1.48
CA VAL A 6 -1.27 -6.84 0.14
C VAL A 6 -1.33 -5.32 0.09
N PRO A 7 -0.77 -4.56 -0.90
CA PRO A 7 -0.84 -3.11 -0.82
C PRO A 7 -2.26 -2.59 -0.93
N GLU A 8 -2.62 -1.51 -0.20
CA GLU A 8 -3.99 -0.97 -0.28
C GLU A 8 -4.08 -0.11 -1.52
N TYR A 9 -3.14 0.85 -1.70
CA TYR A 9 -3.19 1.76 -2.85
C TYR A 9 -1.80 2.15 -3.26
N PHE A 10 -1.64 2.86 -4.41
CA PHE A 10 -0.33 3.23 -4.91
C PHE A 10 -0.26 4.72 -5.12
N VAL A 11 0.94 5.27 -5.39
CA VAL A 11 1.09 6.71 -5.67
C VAL A 11 1.05 6.86 -7.17
N ARG A 12 1.35 8.06 -7.74
CA ARG A 12 1.45 8.16 -9.19
C ARG A 12 2.68 7.42 -9.68
N GLY A 13 2.65 6.07 -9.72
CA GLY A 13 3.73 5.32 -10.34
C GLY A 13 5.05 5.44 -9.60
N ASP A 14 5.25 4.72 -8.48
CA ASP A 14 6.58 4.71 -7.85
C ASP A 14 6.71 3.55 -6.87
N THR A 15 5.91 3.52 -5.78
CA THR A 15 5.99 2.45 -4.79
C THR A 15 4.84 2.63 -3.80
N PRO A 16 4.17 1.61 -3.23
CA PRO A 16 3.05 1.89 -2.33
C PRO A 16 3.54 2.35 -0.98
N ILE A 17 2.62 2.83 -0.10
CA ILE A 17 3.01 3.29 1.23
C ILE A 17 2.01 2.74 2.23
N SER A 18 1.55 1.48 2.08
CA SER A 18 0.54 0.94 3.01
C SER A 18 0.09 -0.43 2.57
N PHE A 19 -0.41 -1.27 3.51
CA PHE A 19 -0.87 -2.62 3.17
C PHE A 19 -2.10 -2.98 3.96
N TYR A 20 -2.74 -4.15 3.72
CA TYR A 20 -4.00 -4.48 4.37
C TYR A 20 -3.86 -4.47 5.88
N GLY A 21 -4.96 -4.59 6.66
CA GLY A 21 -4.79 -4.71 8.11
C GLY A 21 -3.94 -5.91 8.42
N GLY A 1 -4.42 0.88 3.84
CA GLY A 1 -4.77 1.50 5.11
C GLY A 1 -4.20 0.75 6.30
N GLY A 2 -3.06 0.03 6.17
CA GLY A 2 -2.52 -0.70 7.31
C GLY A 2 -1.11 -1.21 7.04
N ALA A 3 -0.74 -2.43 7.51
CA ALA A 3 0.63 -2.92 7.29
C ALA A 3 0.66 -4.43 7.16
N GLY A 4 -0.26 -5.02 6.36
CA GLY A 4 -0.30 -6.47 6.16
C GLY A 4 0.49 -6.86 4.94
N HIS A 5 0.04 -7.88 4.18
CA HIS A 5 0.80 -8.36 3.01
C HIS A 5 0.46 -7.61 1.73
N VAL A 6 -0.83 -7.31 1.45
CA VAL A 6 -1.20 -6.86 0.11
C VAL A 6 -1.28 -5.34 0.08
N PRO A 7 -0.74 -4.57 -0.91
CA PRO A 7 -0.82 -3.12 -0.84
C PRO A 7 -2.25 -2.63 -0.93
N GLU A 8 -2.63 -1.55 -0.21
CA GLU A 8 -4.00 -1.03 -0.29
C GLU A 8 -4.12 -0.16 -1.51
N TYR A 9 -3.20 0.81 -1.69
CA TYR A 9 -3.27 1.73 -2.83
C TYR A 9 -1.88 2.14 -3.24
N PHE A 10 -1.74 2.85 -4.37
CA PHE A 10 -0.42 3.23 -4.88
C PHE A 10 -0.37 4.74 -5.06
N VAL A 11 0.85 5.29 -5.32
CA VAL A 11 1.01 6.73 -5.53
C VAL A 11 0.90 6.94 -7.02
N ARG A 12 1.28 8.13 -7.56
CA ARG A 12 1.27 8.31 -9.00
C ARG A 12 2.45 7.59 -9.61
N GLY A 13 2.47 6.24 -9.60
CA GLY A 13 3.54 5.49 -10.27
C GLY A 13 4.87 5.60 -9.58
N ASP A 14 5.11 4.84 -8.48
CA ASP A 14 6.45 4.82 -7.89
C ASP A 14 6.61 3.65 -6.93
N THR A 15 5.84 3.62 -5.81
CA THR A 15 5.92 2.54 -4.83
C THR A 15 4.79 2.70 -3.84
N PRO A 16 4.13 1.66 -3.25
CA PRO A 16 3.02 1.92 -2.35
C PRO A 16 3.50 2.41 -1.01
N ILE A 17 2.58 2.87 -0.12
CA ILE A 17 2.97 3.31 1.21
C ILE A 17 1.97 2.75 2.22
N SER A 18 1.53 1.47 2.07
CA SER A 18 0.55 0.93 3.00
C SER A 18 0.10 -0.45 2.56
N PHE A 19 -0.41 -1.30 3.50
CA PHE A 19 -0.85 -2.65 3.16
C PHE A 19 -2.08 -3.04 3.96
N TYR A 20 -2.68 -4.22 3.72
CA TYR A 20 -3.94 -4.58 4.39
C TYR A 20 -3.78 -4.61 5.90
N GLY A 21 -4.85 -4.86 6.69
CA GLY A 21 -4.68 -5.03 8.13
C GLY A 21 -4.38 -3.70 8.77
#